data_5MGV
#
_entry.id   5MGV
#
_cell.length_a   54.770
_cell.length_b   90.370
_cell.length_c   95.170
_cell.angle_alpha   90.000
_cell.angle_beta   90.000
_cell.angle_gamma   90.000
#
_symmetry.space_group_name_H-M   'P 21 21 21'
#
loop_
_entity.id
_entity.type
_entity.pdbx_description
1 polymer 'Phenylalanine--tRNA ligase, mitochondrial'
2 water water
#
_entity_poly.entity_id   1
_entity_poly.type   'polypeptide(L)'
_entity_poly.pdbx_seq_one_letter_code
;PGSVVELLGKSYPQDDHSNLTRKVLTRVGRNLHNQQHHPLWLIKERVKEHFYKQYVGRFGTPLFSVYDNLSPVVTTWQNF
DSLLIPADHPSRKKGDNYYLNRTHMLRAHTSAHQWDLLHAGLDAFLVVGDVYRRDQIDSQHYPIFHQLEAVRLFSKHELF
AGIKDGESLQLFEQSSRSAHKQETHTMEAVKLVEFDLKQTLTRLMAHLFGDELEIRWVDCYFPFTHPSFEMEINFHGEWL
EVLGCGVMEQQLVNSAGAQDRIGWAFGLGLERLAMILYYIPDIRLFWCEDERFLKQFCVSNINQKVKFQPLSKYPAVIND
ISFWLPSENYAENDFYDLVRTIGGDLVEKVDLIDKFVHPKTHKTSHCYRITYRHMERTLSQREVRHIHQALQEAAVQLLG
VEGRF
;
_entity_poly.pdbx_strand_id   A
#
# COMPACT_ATOMS: atom_id res chain seq x y z
N PRO A 1 -13.16 -19.46 -10.22
CA PRO A 1 -14.27 -19.08 -9.30
C PRO A 1 -14.87 -20.31 -8.60
N GLY A 2 -15.34 -20.15 -7.35
CA GLY A 2 -15.93 -21.29 -6.63
C GLY A 2 -16.98 -21.04 -5.56
N SER A 3 -17.07 -21.97 -4.61
CA SER A 3 -18.05 -21.92 -3.51
C SER A 3 -17.47 -21.75 -2.10
N VAL A 4 -16.31 -22.27 -1.86
CA VAL A 4 -15.52 -22.06 -0.66
C VAL A 4 -14.08 -21.72 -1.05
N VAL A 5 -13.52 -20.69 -0.38
CA VAL A 5 -12.10 -20.43 -0.56
C VAL A 5 -11.37 -20.85 0.70
N GLU A 6 -10.22 -21.50 0.53
CA GLU A 6 -9.44 -21.91 1.68
C GLU A 6 -8.14 -21.12 1.66
N LEU A 7 -7.94 -20.32 2.69
CA LEU A 7 -6.75 -19.49 2.75
C LEU A 7 -6.15 -19.50 4.15
N LEU A 8 -4.84 -19.75 4.23
CA LEU A 8 -4.13 -19.80 5.50
C LEU A 8 -4.81 -20.68 6.58
N GLY A 9 -5.23 -21.88 6.17
CA GLY A 9 -5.85 -22.79 7.12
C GLY A 9 -7.28 -22.50 7.49
N LYS A 10 -7.86 -21.42 6.96
CA LYS A 10 -9.23 -21.06 7.28
C LYS A 10 -10.14 -21.16 6.06
N SER A 11 -11.44 -21.32 6.31
CA SER A 11 -12.40 -21.47 5.22
C SER A 11 -13.36 -20.30 5.05
N TYR A 12 -13.59 -19.89 3.81
CA TYR A 12 -14.48 -18.77 3.53
C TYR A 12 -15.50 -19.07 2.45
N PRO A 13 -16.78 -19.00 2.78
CA PRO A 13 -17.80 -19.26 1.77
C PRO A 13 -17.74 -18.10 0.79
N GLN A 14 -18.02 -18.35 -0.48
CA GLN A 14 -17.98 -17.31 -1.51
C GLN A 14 -19.34 -16.69 -1.77
N ASP A 15 -19.36 -15.45 -2.26
CA ASP A 15 -20.61 -14.77 -2.54
C ASP A 15 -20.46 -13.75 -3.67
N ASP A 16 -21.41 -12.81 -3.76
CA ASP A 16 -21.42 -11.79 -4.80
C ASP A 16 -20.17 -10.91 -4.81
N HIS A 17 -19.46 -10.83 -3.69
CA HIS A 17 -18.26 -10.00 -3.60
C HIS A 17 -16.94 -10.72 -3.88
N SER A 18 -16.93 -12.02 -3.63
CA SER A 18 -15.74 -12.83 -3.85
C SER A 18 -15.05 -12.58 -5.18
N ASN A 19 -13.77 -12.23 -5.15
CA ASN A 19 -13.02 -11.99 -6.38
C ASN A 19 -11.54 -12.22 -6.19
N LEU A 20 -11.19 -13.13 -5.29
CA LEU A 20 -9.78 -13.43 -5.03
C LEU A 20 -9.29 -14.31 -6.17
N THR A 21 -8.04 -14.15 -6.59
CA THR A 21 -7.48 -14.97 -7.67
C THR A 21 -6.43 -15.94 -7.14
N ARG A 22 -6.35 -17.12 -7.77
CA ARG A 22 -5.38 -18.15 -7.39
C ARG A 22 -3.97 -17.55 -7.38
N LYS A 23 -3.70 -16.67 -8.34
CA LYS A 23 -2.37 -16.05 -8.42
C LYS A 23 -2.08 -15.29 -7.13
N VAL A 24 -2.99 -14.41 -6.73
CA VAL A 24 -2.78 -13.66 -5.49
C VAL A 24 -2.53 -14.64 -4.35
N LEU A 25 -3.38 -15.66 -4.28
CA LEU A 25 -3.29 -16.69 -3.26
C LEU A 25 -1.91 -17.33 -3.14
N THR A 26 -1.25 -17.60 -4.26
CA THR A 26 0.06 -18.23 -4.21
C THR A 26 1.08 -17.33 -3.52
N ARG A 27 0.76 -16.03 -3.38
CA ARG A 27 1.66 -15.07 -2.77
C ARG A 27 1.34 -14.73 -1.30
N VAL A 28 0.18 -15.12 -0.80
CA VAL A 28 -0.19 -14.82 0.57
C VAL A 28 0.65 -15.67 1.54
N GLY A 29 1.34 -15.02 2.47
CA GLY A 29 2.16 -15.75 3.41
C GLY A 29 3.63 -15.64 3.07
N ARG A 30 3.91 -15.30 1.80
CA ARG A 30 5.28 -15.06 1.40
C ARG A 30 6.03 -14.16 2.42
N ASN A 31 5.49 -13.09 2.84
CA ASN A 31 6.15 -12.18 3.75
C ASN A 31 7.54 -11.68 3.39
N LEU A 32 7.66 -11.00 2.25
CA LEU A 32 8.94 -10.46 1.84
C LEU A 32 9.53 -9.57 2.94
N HIS A 33 8.66 -8.80 3.60
CA HIS A 33 9.08 -7.88 4.66
C HIS A 33 9.72 -8.54 5.90
N ASN A 34 9.58 -9.86 6.03
CA ASN A 34 10.18 -10.62 7.14
C ASN A 34 11.29 -11.52 6.59
N GLN A 35 11.58 -11.42 5.30
CA GLN A 35 12.60 -12.24 4.67
C GLN A 35 13.99 -11.63 4.84
N GLN A 36 14.81 -12.28 5.66
CA GLN A 36 16.16 -11.80 5.92
C GLN A 36 16.90 -11.47 4.63
N HIS A 37 17.46 -10.06 4.77
CA HIS A 37 18.20 -9.53 3.64
C HIS A 37 17.39 -9.00 2.47
N HIS A 38 16.18 -9.40 2.29
CA HIS A 38 15.38 -8.81 1.20
C HIS A 38 15.33 -7.27 1.36
N PRO A 39 15.40 -6.53 0.23
CA PRO A 39 15.37 -5.07 0.32
C PRO A 39 14.28 -4.49 1.22
N LEU A 40 13.11 -5.11 1.23
CA LEU A 40 11.99 -4.65 2.07
C LEU A 40 12.26 -4.89 3.56
N TRP A 41 12.72 -6.09 3.88
CA TRP A 41 13.04 -6.43 5.25
C TRP A 41 14.10 -5.43 5.72
N LEU A 42 15.04 -5.09 4.84
CA LEU A 42 16.10 -4.16 5.15
C LEU A 42 15.50 -2.82 5.59
N ILE A 43 14.64 -2.26 4.75
CA ILE A 43 14.01 -1.01 5.13
C ILE A 43 13.24 -1.16 6.45
N LYS A 44 12.58 -2.31 6.65
CA LYS A 44 11.83 -2.54 7.88
C LYS A 44 12.75 -2.43 9.09
N GLU A 45 13.85 -3.16 9.06
CA GLU A 45 14.82 -3.13 10.16
C GLU A 45 15.40 -1.74 10.39
N ARG A 46 15.70 -1.01 9.32
CA ARG A 46 16.26 0.32 9.48
C ARG A 46 15.25 1.27 10.12
N VAL A 47 13.99 1.16 9.74
CA VAL A 47 12.96 2.01 10.33
C VAL A 47 12.87 1.61 11.80
N LYS A 48 12.80 0.31 12.06
CA LYS A 48 12.74 -0.20 13.43
C LYS A 48 13.91 0.30 14.29
N GLU A 49 15.11 0.25 13.72
CA GLU A 49 16.31 0.70 14.41
C GLU A 49 16.13 2.17 14.78
N HIS A 50 15.69 2.97 13.84
CA HIS A 50 15.50 4.40 14.08
C HIS A 50 14.61 4.66 15.30
N PHE A 51 13.48 3.97 15.35
CA PHE A 51 12.53 4.12 16.44
C PHE A 51 13.09 3.66 17.76
N TYR A 52 13.91 2.62 17.71
CA TYR A 52 14.54 2.08 18.90
C TYR A 52 15.54 3.09 19.43
N LYS A 53 16.38 3.60 18.54
CA LYS A 53 17.39 4.58 18.92
C LYS A 53 16.73 5.71 19.69
N GLN A 54 15.66 6.27 18.94
CA GLN A 54 14.93 7.43 19.48
C GLN A 54 14.37 7.13 20.87
N TYR A 55 13.96 5.89 21.11
CA TYR A 55 13.40 5.56 22.43
C TYR A 55 14.48 5.67 23.51
N VAL A 56 15.62 5.03 23.25
CA VAL A 56 16.76 5.06 24.16
C VAL A 56 17.39 6.43 24.20
N GLY A 57 17.44 7.09 23.04
CA GLY A 57 18.05 8.41 22.96
C GLY A 57 17.33 9.61 23.56
N ARG A 58 16.00 9.63 23.56
CA ARG A 58 15.27 10.78 24.10
C ARG A 58 14.20 10.39 25.12
N PHE A 59 14.22 11.03 26.27
CA PHE A 59 13.24 10.68 27.29
C PHE A 59 11.77 10.74 26.85
N GLY A 60 11.43 11.77 26.08
CA GLY A 60 10.05 11.91 25.63
C GLY A 60 9.54 10.88 24.64
N THR A 61 10.46 10.26 23.90
CA THR A 61 10.10 9.26 22.90
C THR A 61 9.56 7.97 23.54
N PRO A 62 8.38 7.50 23.11
CA PRO A 62 7.83 6.28 23.69
C PRO A 62 8.39 5.02 23.03
N LEU A 63 8.24 3.92 23.70
CA LEU A 63 8.60 2.62 23.16
C LEU A 63 7.51 2.18 22.16
N PHE A 64 7.89 1.96 20.88
CA PHE A 64 7.00 1.48 19.83
C PHE A 64 7.07 -0.04 19.67
N SER A 65 5.97 -0.70 19.97
CA SER A 65 5.88 -2.15 19.82
C SER A 65 5.68 -2.41 18.32
N VAL A 66 6.30 -3.47 17.80
CA VAL A 66 6.21 -3.77 16.38
C VAL A 66 5.52 -5.08 16.04
N TYR A 67 4.59 -5.01 15.09
CA TYR A 67 3.83 -6.16 14.63
C TYR A 67 4.01 -6.34 13.12
N ASP A 68 4.80 -7.35 12.75
CA ASP A 68 5.06 -7.62 11.34
C ASP A 68 4.59 -8.99 10.86
N ASN A 69 3.74 -9.65 11.63
CA ASN A 69 3.24 -10.95 11.26
C ASN A 69 1.75 -11.12 11.52
N LEU A 70 0.97 -10.10 11.20
CA LEU A 70 -0.47 -10.17 11.36
C LEU A 70 -1.00 -10.72 10.05
N SER A 71 -2.04 -11.55 10.12
CA SER A 71 -2.61 -12.10 8.91
C SER A 71 -3.22 -10.98 8.07
N PRO A 72 -3.01 -11.03 6.74
CA PRO A 72 -3.58 -9.99 5.89
C PRO A 72 -5.10 -10.15 5.71
N VAL A 73 -5.64 -11.30 6.14
CA VAL A 73 -7.08 -11.49 6.02
C VAL A 73 -7.77 -10.75 7.16
N VAL A 74 -8.58 -9.75 6.81
CA VAL A 74 -9.30 -8.94 7.79
C VAL A 74 -10.78 -8.85 7.42
N THR A 75 -11.58 -8.29 8.31
CA THR A 75 -13.00 -8.11 8.03
C THR A 75 -13.11 -6.76 7.35
N THR A 76 -14.16 -6.56 6.56
CA THR A 76 -14.36 -5.29 5.89
C THR A 76 -14.54 -4.20 6.94
N TRP A 77 -14.94 -4.60 8.15
CA TRP A 77 -15.13 -3.65 9.24
C TRP A 77 -13.77 -3.13 9.69
N GLN A 78 -12.79 -4.01 9.75
CA GLN A 78 -11.44 -3.61 10.17
C GLN A 78 -10.80 -2.70 9.13
N ASN A 79 -10.89 -3.12 7.88
CA ASN A 79 -10.31 -2.37 6.80
C ASN A 79 -11.01 -1.06 6.42
N PHE A 80 -12.33 -0.99 6.63
CA PHE A 80 -13.09 0.20 6.25
C PHE A 80 -13.85 0.93 7.35
N ASP A 81 -14.87 0.28 7.89
CA ASP A 81 -15.72 0.90 8.91
C ASP A 81 -15.02 1.51 10.13
N SER A 82 -14.10 0.77 10.72
CA SER A 82 -13.39 1.24 11.90
C SER A 82 -12.58 2.49 11.59
N LEU A 83 -12.22 2.70 10.31
CA LEU A 83 -11.43 3.86 9.93
C LEU A 83 -12.34 5.00 9.42
N LEU A 84 -13.64 4.85 9.65
CA LEU A 84 -14.62 5.85 9.27
C LEU A 84 -14.81 6.06 7.76
N ILE A 85 -14.50 5.03 6.97
CA ILE A 85 -14.65 5.14 5.51
C ILE A 85 -16.10 4.92 5.12
N PRO A 86 -16.74 5.97 4.55
CA PRO A 86 -18.13 5.91 4.12
C PRO A 86 -18.50 4.63 3.37
N ALA A 87 -19.76 4.21 3.54
CA ALA A 87 -20.29 3.03 2.89
C ALA A 87 -20.25 3.14 1.37
N ASP A 88 -20.34 4.37 0.85
CA ASP A 88 -20.32 4.60 -0.60
C ASP A 88 -18.97 5.11 -1.12
N HIS A 89 -17.93 4.99 -0.32
CA HIS A 89 -16.62 5.47 -0.73
C HIS A 89 -16.04 4.55 -1.81
N PRO A 90 -15.49 5.13 -2.88
CA PRO A 90 -14.90 4.40 -4.01
C PRO A 90 -13.81 3.39 -3.66
N SER A 91 -13.16 3.56 -2.52
CA SER A 91 -12.10 2.63 -2.11
C SER A 91 -12.67 1.26 -1.76
N ARG A 92 -14.00 1.16 -1.73
CA ARG A 92 -14.67 -0.09 -1.42
C ARG A 92 -15.04 -0.88 -2.69
N LYS A 93 -14.88 -0.27 -3.85
CA LYS A 93 -15.22 -0.93 -5.11
C LYS A 93 -14.61 -2.33 -5.21
N LYS A 94 -15.42 -3.33 -5.54
CA LYS A 94 -14.92 -4.70 -5.68
C LYS A 94 -13.77 -4.66 -6.67
N GLY A 95 -13.85 -3.73 -7.62
CA GLY A 95 -12.82 -3.58 -8.63
C GLY A 95 -11.45 -3.20 -8.11
N ASP A 96 -11.36 -2.66 -6.90
CA ASP A 96 -10.05 -2.26 -6.37
C ASP A 96 -9.58 -3.14 -5.20
N ASN A 97 -10.38 -4.12 -4.79
CA ASN A 97 -10.02 -4.97 -3.66
C ASN A 97 -10.13 -6.45 -3.93
N TYR A 98 -9.46 -7.24 -3.08
CA TYR A 98 -9.51 -8.68 -3.14
C TYR A 98 -10.35 -9.13 -1.95
N TYR A 99 -11.63 -9.31 -2.20
CA TYR A 99 -12.60 -9.72 -1.19
C TYR A 99 -12.73 -11.23 -1.21
N LEU A 100 -12.79 -11.84 -0.03
CA LEU A 100 -12.98 -13.28 0.06
C LEU A 100 -14.49 -13.42 -0.11
N ASN A 101 -15.21 -12.49 0.51
CA ASN A 101 -16.67 -12.42 0.43
C ASN A 101 -17.12 -11.04 0.95
N ARG A 102 -18.36 -10.93 1.39
CA ARG A 102 -18.88 -9.64 1.88
C ARG A 102 -18.26 -9.13 3.17
N THR A 103 -17.82 -10.05 4.03
CA THR A 103 -17.27 -9.66 5.32
C THR A 103 -15.77 -9.81 5.48
N HIS A 104 -15.12 -10.64 4.66
CA HIS A 104 -13.68 -10.80 4.78
C HIS A 104 -12.93 -10.42 3.53
N MET A 105 -11.72 -9.92 3.73
CA MET A 105 -10.91 -9.48 2.61
C MET A 105 -9.44 -9.47 2.98
N LEU A 106 -8.61 -9.33 1.97
CA LEU A 106 -7.18 -9.21 2.16
C LEU A 106 -7.04 -7.70 2.36
N ARG A 107 -6.39 -7.30 3.45
CA ARG A 107 -6.23 -5.89 3.77
C ARG A 107 -5.67 -5.08 2.61
N ALA A 108 -6.23 -3.88 2.43
CA ALA A 108 -5.78 -2.99 1.37
C ALA A 108 -4.75 -2.02 1.93
N HIS A 109 -4.62 -2.01 3.26
CA HIS A 109 -3.67 -1.17 3.96
C HIS A 109 -3.47 -1.62 5.42
N THR A 110 -2.29 -1.33 5.96
CA THR A 110 -2.01 -1.73 7.33
C THR A 110 -2.80 -0.91 8.35
N SER A 111 -3.50 0.11 7.89
CA SER A 111 -4.34 0.94 8.76
C SER A 111 -5.47 0.07 9.29
N ALA A 112 -5.69 -1.06 8.63
CA ALA A 112 -6.74 -1.98 9.01
C ALA A 112 -6.53 -2.56 10.42
N HIS A 113 -5.33 -2.35 10.96
CA HIS A 113 -4.99 -2.86 12.28
C HIS A 113 -4.96 -1.79 13.37
N GLN A 114 -5.12 -0.53 12.97
CA GLN A 114 -5.10 0.58 13.92
C GLN A 114 -6.08 0.39 15.06
N TRP A 115 -7.35 0.13 14.71
CA TRP A 115 -8.39 -0.02 15.71
C TRP A 115 -8.13 -1.10 16.76
N ASP A 116 -7.86 -2.32 16.31
CA ASP A 116 -7.61 -3.41 17.22
C ASP A 116 -6.44 -3.16 18.15
N LEU A 117 -5.35 -2.62 17.61
CA LEU A 117 -4.18 -2.36 18.43
C LEU A 117 -4.44 -1.24 19.44
N LEU A 118 -5.27 -0.29 19.05
CA LEU A 118 -5.64 0.82 19.93
C LEU A 118 -6.53 0.26 21.04
N HIS A 119 -7.47 -0.59 20.63
CA HIS A 119 -8.43 -1.22 21.53
C HIS A 119 -7.68 -2.05 22.58
N ALA A 120 -6.52 -2.56 22.19
CA ALA A 120 -5.67 -3.38 23.07
C ALA A 120 -4.89 -2.55 24.08
N GLY A 121 -5.06 -1.23 24.03
CA GLY A 121 -4.38 -0.36 24.97
C GLY A 121 -3.04 0.23 24.59
N LEU A 122 -2.49 -0.16 23.44
CA LEU A 122 -1.18 0.36 23.02
C LEU A 122 -1.19 1.86 22.70
N ASP A 123 -0.15 2.57 23.14
CA ASP A 123 -0.02 4.02 22.89
C ASP A 123 0.93 4.31 21.72
N ALA A 124 1.72 3.32 21.33
CA ALA A 124 2.67 3.49 20.24
C ALA A 124 3.07 2.17 19.62
N PHE A 125 2.79 2.02 18.33
CA PHE A 125 3.14 0.78 17.65
C PHE A 125 3.37 0.96 16.17
N LEU A 126 3.90 -0.08 15.57
CA LEU A 126 4.18 -0.11 14.15
C LEU A 126 3.65 -1.44 13.63
N VAL A 127 2.99 -1.39 12.48
CA VAL A 127 2.48 -2.60 11.85
C VAL A 127 3.14 -2.65 10.48
N VAL A 128 3.80 -3.76 10.19
CA VAL A 128 4.48 -3.94 8.91
C VAL A 128 3.90 -5.16 8.22
N GLY A 129 3.40 -5.00 7.00
CA GLY A 129 2.83 -6.13 6.31
C GLY A 129 2.48 -5.94 4.86
N ASP A 130 2.23 -7.07 4.21
CA ASP A 130 1.85 -7.11 2.81
C ASP A 130 0.40 -6.65 2.74
N VAL A 131 0.10 -5.81 1.75
CA VAL A 131 -1.26 -5.32 1.55
C VAL A 131 -1.64 -5.60 0.10
N TYR A 132 -2.95 -5.69 -0.16
CA TYR A 132 -3.42 -6.07 -1.48
C TYR A 132 -4.44 -5.15 -2.12
N ARG A 133 -4.18 -4.77 -3.37
CA ARG A 133 -5.11 -3.91 -4.10
C ARG A 133 -5.13 -4.23 -5.59
N ARG A 134 -6.32 -4.21 -6.17
CA ARG A 134 -6.49 -4.46 -7.60
C ARG A 134 -6.21 -3.13 -8.26
N ASP A 135 -5.14 -3.08 -9.04
CA ASP A 135 -4.76 -1.84 -9.70
C ASP A 135 -4.30 -2.08 -11.14
N GLN A 136 -3.93 -0.98 -11.78
CA GLN A 136 -3.45 -1.02 -13.15
C GLN A 136 -2.13 -1.79 -13.14
N ILE A 137 -1.57 -2.06 -14.33
CA ILE A 137 -0.32 -2.82 -14.42
C ILE A 137 0.80 -2.05 -15.11
N ASP A 138 1.85 -1.74 -14.34
CA ASP A 138 3.02 -1.05 -14.86
C ASP A 138 4.17 -1.22 -13.86
N SER A 139 5.36 -0.79 -14.23
CA SER A 139 6.52 -0.93 -13.37
C SER A 139 6.38 -0.34 -11.97
N GLN A 140 5.36 0.49 -11.78
CA GLN A 140 5.13 1.12 -10.48
C GLN A 140 3.95 0.58 -9.69
N HIS A 141 3.20 -0.37 -10.25
CA HIS A 141 2.03 -0.92 -9.55
C HIS A 141 2.07 -2.45 -9.56
N TYR A 142 1.78 -3.05 -8.41
CA TYR A 142 1.75 -4.50 -8.23
C TYR A 142 0.53 -4.82 -7.35
N PRO A 143 -0.13 -5.98 -7.57
CA PRO A 143 -1.32 -6.37 -6.77
C PRO A 143 -0.98 -6.50 -5.29
N ILE A 144 0.30 -6.75 -5.04
CA ILE A 144 0.79 -6.91 -3.69
C ILE A 144 1.97 -5.99 -3.47
N PHE A 145 1.93 -5.28 -2.35
CA PHE A 145 3.03 -4.41 -1.97
C PHE A 145 3.07 -4.41 -0.44
N HIS A 146 3.95 -3.63 0.15
CA HIS A 146 4.06 -3.63 1.60
C HIS A 146 4.04 -2.25 2.22
N GLN A 147 3.44 -2.15 3.40
CA GLN A 147 3.35 -0.90 4.12
C GLN A 147 3.79 -1.04 5.56
N LEU A 148 4.09 0.09 6.18
CA LEU A 148 4.49 0.10 7.57
C LEU A 148 3.70 1.23 8.20
N GLU A 149 2.77 0.84 9.07
CA GLU A 149 1.91 1.75 9.78
C GLU A 149 2.57 2.12 11.11
N ALA A 150 2.24 3.31 11.60
CA ALA A 150 2.76 3.80 12.87
C ALA A 150 1.64 4.62 13.49
N VAL A 151 1.41 4.43 14.78
CA VAL A 151 0.39 5.16 15.51
C VAL A 151 1.05 5.65 16.78
N ARG A 152 0.77 6.89 17.16
CA ARG A 152 1.38 7.49 18.35
C ARG A 152 0.36 8.33 19.11
N LEU A 153 0.04 7.95 20.34
CA LEU A 153 -0.92 8.70 21.14
C LEU A 153 -0.26 9.60 22.18
N PHE A 154 -0.94 10.69 22.48
CA PHE A 154 -0.48 11.69 23.44
C PHE A 154 -1.57 11.99 24.47
N SER A 155 -1.22 12.03 25.75
CA SER A 155 -2.21 12.43 26.76
C SER A 155 -1.98 13.95 26.83
N LYS A 156 -2.92 14.67 27.41
CA LYS A 156 -2.79 16.12 27.51
C LYS A 156 -1.51 16.56 28.23
N HIS A 157 -1.24 15.92 29.36
CA HIS A 157 -0.07 16.22 30.18
C HIS A 157 1.23 15.98 29.45
N GLU A 158 1.25 14.93 28.65
CA GLU A 158 2.42 14.59 27.89
C GLU A 158 2.63 15.60 26.76
N LEU A 159 1.55 15.98 26.09
CA LEU A 159 1.63 16.93 24.99
C LEU A 159 2.11 18.32 25.39
N PHE A 160 1.59 18.84 26.51
CA PHE A 160 1.95 20.18 26.96
C PHE A 160 2.99 20.24 28.09
N ALA A 161 3.69 19.12 28.29
CA ALA A 161 4.72 18.97 29.32
C ALA A 161 5.80 20.06 29.27
N GLY A 162 6.16 20.45 28.05
CA GLY A 162 7.19 21.46 27.86
C GLY A 162 6.70 22.90 27.86
N ILE A 163 5.41 23.09 28.08
CA ILE A 163 4.88 24.45 28.11
C ILE A 163 4.68 24.92 29.54
N LYS A 164 5.14 26.14 29.81
CA LYS A 164 5.03 26.73 31.14
C LYS A 164 3.70 26.49 31.87
N ASP A 165 2.56 26.99 31.26
CA ASP A 165 1.31 26.87 32.01
C ASP A 165 0.37 25.83 31.34
N GLY A 166 1.17 24.93 30.55
CA GLY A 166 0.54 23.86 29.79
C GLY A 166 -0.65 23.11 30.40
N GLU A 167 -0.72 22.97 31.71
CA GLU A 167 -1.86 22.24 32.28
C GLU A 167 -3.19 23.00 32.12
N SER A 168 -3.10 24.30 31.78
CA SER A 168 -4.29 25.11 31.57
C SER A 168 -4.85 24.90 30.15
N LEU A 169 -3.98 24.43 29.25
CA LEU A 169 -4.34 24.13 27.86
C LEU A 169 -5.13 22.84 27.84
N GLN A 170 -6.01 22.65 26.93
CA GLN A 170 -6.66 21.38 26.61
C GLN A 170 -6.30 20.88 25.22
N LEU A 171 -6.77 19.42 25.19
CA LEU A 171 -6.71 18.66 23.94
C LEU A 171 -8.00 18.85 23.16
N PHE A 172 -9.12 18.78 23.88
CA PHE A 172 -10.44 18.86 23.26
C PHE A 172 -11.27 20.10 23.58
N GLU A 173 -12.24 20.35 22.71
CA GLU A 173 -13.17 21.46 22.82
C GLU A 173 -14.32 21.11 21.88
N GLN A 174 -15.21 21.90 21.65
CA GLN A 174 -16.34 21.78 20.75
C GLN A 174 -16.51 22.99 19.86
N SER A 175 -15.70 23.11 18.85
CA SER A 175 -15.86 24.17 17.86
C SER A 175 -16.30 23.51 16.56
N SER A 176 -15.85 24.05 15.43
CA SER A 176 -16.21 23.45 14.15
C SER A 176 -14.95 22.88 13.50
N ARG A 177 -15.14 22.11 12.44
CA ARG A 177 -14.04 21.51 11.70
C ARG A 177 -13.58 22.52 10.67
N SER A 178 -12.28 22.62 10.46
CA SER A 178 -11.76 23.57 9.48
C SER A 178 -10.68 22.85 8.66
N ALA A 179 -10.12 23.56 7.69
CA ALA A 179 -9.08 22.95 6.86
C ALA A 179 -7.90 22.52 7.74
N HIS A 180 -7.78 23.11 8.92
CA HIS A 180 -6.66 22.82 9.78
C HIS A 180 -6.89 21.92 11.01
N LYS A 181 -8.12 21.57 11.30
CA LYS A 181 -8.37 20.72 12.47
C LYS A 181 -9.79 20.18 12.57
N GLN A 182 -9.95 19.20 13.44
CA GLN A 182 -11.22 18.55 13.69
C GLN A 182 -12.08 19.40 14.61
N GLU A 183 -13.38 19.15 14.58
CA GLU A 183 -14.31 19.91 15.39
C GLU A 183 -14.11 19.75 16.90
N THR A 184 -13.58 18.61 17.35
CA THR A 184 -13.40 18.44 18.80
C THR A 184 -11.95 18.63 19.30
N HIS A 185 -11.07 19.09 18.42
CA HIS A 185 -9.68 19.32 18.80
C HIS A 185 -9.36 20.80 18.96
N THR A 186 -8.46 21.13 19.87
CA THR A 186 -8.04 22.51 20.05
C THR A 186 -6.90 22.76 19.05
N MET A 187 -6.76 24.00 18.58
CA MET A 187 -5.69 24.32 17.64
C MET A 187 -4.35 24.14 18.37
N GLU A 188 -4.35 24.37 19.69
CA GLU A 188 -3.17 24.18 20.50
C GLU A 188 -2.69 22.75 20.31
N ALA A 189 -3.58 21.82 20.61
CA ALA A 189 -3.28 20.42 20.50
C ALA A 189 -2.82 20.00 19.10
N VAL A 190 -3.62 20.33 18.08
CA VAL A 190 -3.29 19.95 16.71
C VAL A 190 -1.92 20.46 16.25
N LYS A 191 -1.63 21.73 16.54
CA LYS A 191 -0.34 22.31 16.15
C LYS A 191 0.83 21.52 16.74
N LEU A 192 0.72 21.05 17.94
CA LEU A 192 1.79 20.26 18.55
C LEU A 192 1.85 18.84 18.02
N VAL A 193 0.69 18.21 17.83
CA VAL A 193 0.66 16.84 17.30
C VAL A 193 1.22 16.83 15.88
N GLU A 194 0.75 17.76 15.06
CA GLU A 194 1.18 17.88 13.68
C GLU A 194 2.69 18.10 13.60
N PHE A 195 3.19 19.00 14.44
CA PHE A 195 4.61 19.28 14.47
C PHE A 195 5.40 18.03 14.86
N ASP A 196 4.89 17.29 15.83
CA ASP A 196 5.58 16.07 16.26
C ASP A 196 5.61 15.06 15.13
N LEU A 197 4.50 14.96 14.41
CA LEU A 197 4.37 14.03 13.30
C LEU A 197 5.41 14.31 12.24
N LYS A 198 5.41 15.54 11.75
CA LYS A 198 6.34 15.93 10.70
C LYS A 198 7.81 15.84 11.12
N GLN A 199 8.11 16.22 12.36
CA GLN A 199 9.47 16.15 12.85
C GLN A 199 9.90 14.69 12.92
N THR A 200 9.00 13.83 13.39
CA THR A 200 9.31 12.42 13.50
C THR A 200 9.60 11.81 12.13
N LEU A 201 8.74 12.10 11.16
CA LEU A 201 8.92 11.58 9.80
C LEU A 201 10.18 12.14 9.14
N THR A 202 10.40 13.43 9.34
CA THR A 202 11.57 14.09 8.77
C THR A 202 12.85 13.46 9.31
N ARG A 203 12.88 13.19 10.60
CA ARG A 203 14.07 12.58 11.17
C ARG A 203 14.25 11.15 10.68
N LEU A 204 13.14 10.45 10.49
CA LEU A 204 13.21 9.07 10.01
C LEU A 204 13.81 9.06 8.60
N MET A 205 13.33 9.98 7.77
CA MET A 205 13.82 10.11 6.41
C MET A 205 15.30 10.45 6.42
N ALA A 206 15.69 11.32 7.34
CA ALA A 206 17.08 11.74 7.47
C ALA A 206 17.95 10.53 7.80
N HIS A 207 17.44 9.67 8.68
CA HIS A 207 18.13 8.47 9.07
C HIS A 207 18.22 7.50 7.88
N LEU A 208 17.16 7.46 7.06
CA LEU A 208 17.13 6.54 5.93
C LEU A 208 17.86 6.98 4.67
N PHE A 209 17.74 8.25 4.31
CA PHE A 209 18.34 8.77 3.07
C PHE A 209 19.50 9.73 3.20
N GLY A 210 19.77 10.18 4.43
CA GLY A 210 20.82 11.16 4.64
C GLY A 210 20.15 12.53 4.57
N ASP A 211 20.98 13.48 5.08
CA ASP A 211 20.58 14.89 5.13
C ASP A 211 20.44 15.61 3.78
N GLU A 212 20.42 14.97 2.76
CA GLU A 212 20.44 15.65 1.46
C GLU A 212 19.40 15.13 0.45
N LEU A 213 18.14 14.81 1.16
CA LEU A 213 16.94 14.53 0.38
C LEU A 213 15.92 15.65 0.49
N GLU A 214 15.32 15.86 -0.80
CA GLU A 214 14.37 16.95 -0.96
C GLU A 214 12.98 16.39 -0.68
N ILE A 215 12.33 16.90 0.35
CA ILE A 215 11.00 16.45 0.70
C ILE A 215 10.06 17.64 0.73
N ARG A 216 8.77 17.37 0.60
CA ARG A 216 7.77 18.42 0.61
C ARG A 216 6.53 17.79 1.23
N TRP A 217 5.75 18.59 1.95
CA TRP A 217 4.53 18.08 2.56
C TRP A 217 3.41 18.61 1.70
N VAL A 218 2.47 17.73 1.38
CA VAL A 218 1.33 18.08 0.56
C VAL A 218 0.06 17.78 1.34
N ASP A 219 -0.90 18.71 1.28
CA ASP A 219 -2.15 18.53 1.99
C ASP A 219 -3.06 17.56 1.25
N CYS A 220 -3.63 16.59 1.95
CA CYS A 220 -4.52 15.61 1.33
C CYS A 220 -5.68 15.24 2.25
N TYR A 221 -6.37 14.16 1.90
CA TYR A 221 -7.51 13.71 2.70
C TYR A 221 -7.52 12.20 2.93
N PHE A 222 -8.06 11.80 4.08
CA PHE A 222 -8.20 10.42 4.49
C PHE A 222 -9.37 10.48 5.47
N PRO A 223 -10.28 9.51 5.40
CA PRO A 223 -11.41 9.53 6.31
C PRO A 223 -11.01 9.27 7.76
N PHE A 224 -9.83 8.70 7.96
CA PHE A 224 -9.39 8.34 9.31
C PHE A 224 -8.42 9.31 9.99
N THR A 225 -8.06 10.39 9.29
CA THR A 225 -7.18 11.43 9.83
C THR A 225 -7.63 12.80 9.35
N HIS A 226 -7.19 13.85 10.04
CA HIS A 226 -7.48 15.25 9.72
C HIS A 226 -6.90 16.19 10.77
N PRO A 227 -6.00 17.09 10.36
CA PRO A 227 -5.50 17.32 9.01
C PRO A 227 -4.62 16.16 8.53
N SER A 228 -4.59 15.95 7.22
CA SER A 228 -3.84 14.85 6.65
C SER A 228 -2.80 15.33 5.64
N PHE A 229 -1.74 14.56 5.46
CA PHE A 229 -0.69 14.94 4.53
C PHE A 229 -0.08 13.74 3.84
N GLU A 230 0.66 14.04 2.79
CA GLU A 230 1.40 13.05 2.03
C GLU A 230 2.77 13.69 2.00
N MET A 231 3.81 12.90 2.21
CA MET A 231 5.14 13.46 2.13
C MET A 231 5.62 13.02 0.77
N GLU A 232 6.21 13.92 0.00
CA GLU A 232 6.72 13.56 -1.30
C GLU A 232 8.23 13.74 -1.31
N ILE A 233 8.93 12.89 -2.06
CA ILE A 233 10.38 12.99 -2.15
C ILE A 233 10.73 13.26 -3.62
N ASN A 234 11.55 14.27 -3.86
CA ASN A 234 11.92 14.56 -5.24
C ASN A 234 13.01 13.59 -5.67
N PHE A 235 12.66 12.70 -6.59
CA PHE A 235 13.57 11.68 -7.07
C PHE A 235 13.59 11.63 -8.60
N HIS A 236 14.77 11.81 -9.17
CA HIS A 236 14.95 11.83 -10.62
C HIS A 236 14.05 12.86 -11.29
N GLY A 237 14.11 14.08 -10.74
CA GLY A 237 13.33 15.19 -11.28
C GLY A 237 11.83 15.15 -11.09
N GLU A 238 11.33 14.49 -9.99
CA GLU A 238 9.92 14.16 -9.99
C GLU A 238 9.33 14.06 -8.57
N TRP A 239 8.46 14.65 -8.09
CA TRP A 239 8.00 14.56 -6.70
C TRP A 239 7.14 13.30 -6.57
N LEU A 240 7.62 12.32 -5.82
CA LEU A 240 6.88 11.08 -5.63
C LEU A 240 6.38 10.94 -4.19
N GLU A 241 5.09 10.64 -4.05
CA GLU A 241 4.48 10.46 -2.73
C GLU A 241 5.02 9.14 -2.18
N VAL A 242 5.46 9.15 -0.92
CA VAL A 242 6.01 7.95 -0.30
C VAL A 242 5.23 7.51 0.95
N LEU A 243 4.40 8.40 1.49
CA LEU A 243 3.61 8.09 2.68
C LEU A 243 2.40 8.99 2.84
N GLY A 244 1.47 8.54 3.67
CA GLY A 244 0.27 9.30 3.97
C GLY A 244 0.26 9.44 5.48
N CYS A 245 -0.31 10.52 6.01
CA CYS A 245 -0.34 10.69 7.46
C CYS A 245 -1.34 11.74 7.92
N GLY A 246 -1.35 12.00 9.23
CA GLY A 246 -2.25 12.99 9.77
C GLY A 246 -2.56 12.77 11.23
N VAL A 247 -3.45 13.62 11.74
CA VAL A 247 -3.90 13.57 13.14
C VAL A 247 -5.13 12.65 13.14
N MET A 248 -5.03 11.55 13.88
CA MET A 248 -6.12 10.59 13.93
C MET A 248 -7.50 11.17 14.22
N GLU A 249 -8.48 10.73 13.44
CA GLU A 249 -9.85 11.16 13.63
C GLU A 249 -10.22 10.75 15.05
N GLN A 250 -10.58 11.73 15.86
CA GLN A 250 -10.94 11.50 17.24
C GLN A 250 -12.02 10.44 17.45
N GLN A 251 -13.01 10.40 16.57
CA GLN A 251 -14.07 9.41 16.67
C GLN A 251 -13.44 8.01 16.67
N LEU A 252 -12.45 7.81 15.82
CA LEU A 252 -11.74 6.53 15.74
C LEU A 252 -11.04 6.23 17.06
N VAL A 253 -10.26 7.19 17.54
CA VAL A 253 -9.54 7.01 18.79
C VAL A 253 -10.49 6.79 19.97
N ASN A 254 -11.63 7.46 19.94
CA ASN A 254 -12.62 7.34 21.01
C ASN A 254 -13.30 5.97 21.02
N SER A 255 -13.69 5.48 19.83
CA SER A 255 -14.36 4.20 19.73
C SER A 255 -13.45 3.01 20.05
N ALA A 256 -12.15 3.24 20.07
CA ALA A 256 -11.19 2.17 20.38
C ALA A 256 -10.95 2.09 21.88
N GLY A 257 -11.36 3.11 22.62
CA GLY A 257 -11.18 3.09 24.06
C GLY A 257 -10.22 4.12 24.63
N ALA A 258 -9.58 4.88 23.76
CA ALA A 258 -8.63 5.90 24.20
C ALA A 258 -9.20 7.32 24.05
N GLN A 259 -10.92 7.38 24.57
CA GLN A 259 -11.05 8.82 24.52
C GLN A 259 -9.84 9.57 25.05
N ASP A 260 -9.36 9.71 25.93
CA ASP A 260 -8.48 10.62 26.67
C ASP A 260 -7.53 11.37 25.76
N ARG A 261 -7.01 10.50 24.74
CA ARG A 261 -5.78 10.74 24.01
C ARG A 261 -6.01 11.33 22.62
N ILE A 262 -4.96 11.93 22.08
CA ILE A 262 -4.97 12.49 20.73
C ILE A 262 -3.73 11.87 20.11
N GLY A 263 -3.79 11.57 18.82
CA GLY A 263 -2.63 10.97 18.21
C GLY A 263 -2.47 11.22 16.74
N TRP A 264 -1.35 10.76 16.21
CA TRP A 264 -1.07 10.86 14.80
C TRP A 264 -0.75 9.46 14.33
N ALA A 265 -0.77 9.29 13.01
CA ALA A 265 -0.49 8.01 12.39
C ALA A 265 0.04 8.26 11.00
N PHE A 266 0.71 7.26 10.45
CA PHE A 266 1.21 7.34 9.10
C PHE A 266 1.38 5.95 8.51
N GLY A 267 1.33 5.89 7.20
CA GLY A 267 1.48 4.64 6.49
C GLY A 267 2.43 4.86 5.34
N LEU A 268 3.58 4.21 5.37
CA LEU A 268 4.52 4.40 4.28
C LEU A 268 4.90 3.09 3.59
N GLY A 269 4.87 3.47 2.10
CA GLY A 269 5.01 2.42 1.09
C GLY A 269 6.45 1.95 1.06
N LEU A 270 6.69 0.76 1.59
CA LEU A 270 8.04 0.24 1.62
C LEU A 270 8.63 0.14 0.21
N GLU A 271 7.85 -0.34 -0.75
CA GLU A 271 8.34 -0.46 -2.13
C GLU A 271 8.79 0.89 -2.66
N ARG A 272 7.89 1.87 -2.60
CA ARG A 272 8.19 3.21 -3.05
C ARG A 272 9.51 3.68 -2.42
N LEU A 273 9.62 3.56 -1.10
CA LEU A 273 10.83 3.95 -0.39
C LEU A 273 12.06 3.22 -0.93
N ALA A 274 11.98 1.89 -0.99
CA ALA A 274 13.08 1.06 -1.48
C ALA A 274 13.51 1.46 -2.89
N MET A 275 12.53 1.68 -3.75
CA MET A 275 12.83 2.06 -5.14
C MET A 275 13.60 3.37 -5.19
N ILE A 276 13.28 4.28 -4.29
CA ILE A 276 13.99 5.57 -4.23
C ILE A 276 15.35 5.38 -3.57
N LEU A 277 15.36 4.73 -2.41
CA LEU A 277 16.61 4.54 -1.68
C LEU A 277 17.68 3.77 -2.47
N TYR A 278 17.30 2.67 -3.12
CA TYR A 278 18.30 1.85 -3.83
C TYR A 278 18.29 1.99 -5.34
N TYR A 279 17.93 3.22 -5.97
CA TYR A 279 17.20 3.05 -7.26
C TYR A 279 16.55 1.72 -7.44
N ILE A 280 15.92 0.91 -7.32
CA ILE A 280 15.25 -0.19 -7.95
C ILE A 280 14.38 0.35 -9.10
N PRO A 281 14.57 -0.20 -10.32
CA PRO A 281 13.79 0.21 -11.54
C PRO A 281 12.29 -0.03 -11.56
N ASP A 282 12.09 -1.28 -11.22
CA ASP A 282 10.82 -1.97 -11.42
C ASP A 282 10.35 -2.75 -10.20
N ILE A 283 9.10 -2.53 -9.82
CA ILE A 283 8.50 -3.17 -8.66
C ILE A 283 8.59 -4.71 -8.73
N ARG A 284 8.59 -5.26 -9.94
CA ARG A 284 8.67 -6.70 -10.12
C ARG A 284 9.98 -7.32 -9.61
N LEU A 285 11.03 -6.51 -9.47
CA LEU A 285 12.32 -7.01 -8.98
C LEU A 285 12.25 -7.48 -7.54
N PHE A 286 11.30 -6.92 -6.78
CA PHE A 286 11.14 -7.31 -5.39
C PHE A 286 10.71 -8.78 -5.32
N TRP A 287 10.09 -9.28 -6.39
CA TRP A 287 9.61 -10.65 -6.40
C TRP A 287 10.41 -11.69 -7.20
N CYS A 288 11.38 -11.26 -7.94
CA CYS A 288 12.28 -12.17 -8.63
C CYS A 288 13.22 -12.73 -7.57
N GLU A 289 14.04 -13.74 -8.02
CA GLU A 289 14.93 -14.42 -7.09
C GLU A 289 16.27 -14.70 -7.74
N ASP A 290 16.43 -13.69 -8.81
CA ASP A 290 17.68 -13.66 -9.56
C ASP A 290 18.76 -13.16 -8.61
N GLU A 291 19.59 -14.06 -8.12
CA GLU A 291 20.66 -13.67 -7.21
C GLU A 291 21.61 -12.63 -7.79
N ARG A 292 21.42 -12.10 -8.93
CA ARG A 292 22.07 -10.86 -9.39
C ARG A 292 21.43 -9.68 -8.65
N PHE A 293 20.18 -9.85 -8.25
CA PHE A 293 19.45 -8.83 -7.51
C PHE A 293 19.55 -9.02 -5.99
N LEU A 294 19.09 -10.17 -5.50
CA LEU A 294 19.12 -10.42 -4.05
C LEU A 294 20.50 -10.37 -3.41
N LYS A 295 21.50 -10.94 -4.09
CA LYS A 295 22.85 -10.95 -3.54
C LYS A 295 23.33 -9.54 -3.18
N GLN A 296 22.71 -8.52 -3.78
CA GLN A 296 23.12 -7.14 -3.53
C GLN A 296 22.60 -6.56 -2.20
N PHE A 297 21.73 -7.30 -1.52
CA PHE A 297 21.18 -6.83 -0.26
C PHE A 297 21.60 -7.66 0.93
N CYS A 298 22.69 -8.40 0.74
CA CYS A 298 23.23 -9.24 1.80
C CYS A 298 24.29 -8.46 2.55
N VAL A 299 23.83 -7.63 3.47
CA VAL A 299 24.70 -6.77 4.27
C VAL A 299 25.11 -7.45 5.57
N SER A 300 26.26 -7.06 6.12
CA SER A 300 26.74 -7.61 7.38
C SER A 300 25.84 -7.09 8.50
N ASN A 301 25.49 -5.81 8.40
CA ASN A 301 24.60 -5.19 9.38
C ASN A 301 23.67 -4.30 8.57
N ILE A 302 22.50 -3.99 9.10
CA ILE A 302 21.55 -3.16 8.34
C ILE A 302 22.07 -1.75 8.14
N ASN A 303 23.24 -1.46 8.70
CA ASN A 303 23.84 -0.14 8.55
C ASN A 303 24.82 -0.09 7.38
N GLN A 304 25.35 -1.24 6.98
CA GLN A 304 26.26 -1.30 5.83
C GLN A 304 25.43 -0.76 4.67
N LYS A 305 26.00 0.17 3.92
CA LYS A 305 25.29 0.79 2.80
C LYS A 305 25.32 -0.04 1.54
N VAL A 306 24.15 -0.42 1.06
CA VAL A 306 24.09 -1.21 -0.17
C VAL A 306 24.30 -0.19 -1.28
N LYS A 307 25.07 -0.61 -2.27
CA LYS A 307 25.37 0.23 -3.41
C LYS A 307 24.75 -0.45 -4.62
N PHE A 308 23.42 -0.56 -4.59
CA PHE A 308 22.70 -1.24 -5.65
C PHE A 308 23.10 -0.89 -7.07
N GLN A 309 23.27 -1.94 -7.87
CA GLN A 309 23.65 -1.83 -9.27
C GLN A 309 22.51 -2.43 -10.05
N PRO A 310 21.71 -1.60 -10.72
CA PRO A 310 20.58 -2.08 -11.52
C PRO A 310 21.00 -3.15 -12.55
N LEU A 311 20.14 -4.14 -12.76
CA LEU A 311 20.41 -5.17 -13.75
C LEU A 311 20.27 -4.55 -15.15
N SER A 312 20.58 -5.30 -16.19
CA SER A 312 20.43 -4.79 -17.54
C SER A 312 18.94 -4.79 -17.84
N LYS A 313 18.51 -3.90 -18.74
CA LYS A 313 17.12 -3.84 -19.14
C LYS A 313 17.07 -4.52 -20.50
N TYR A 314 16.45 -5.69 -20.54
CA TYR A 314 16.33 -6.48 -21.76
C TYR A 314 15.22 -5.98 -22.68
N PRO A 315 15.31 -6.30 -23.97
CA PRO A 315 14.31 -5.88 -24.95
C PRO A 315 12.93 -6.42 -24.67
N ALA A 316 11.93 -5.59 -24.95
CA ALA A 316 10.56 -5.99 -24.75
C ALA A 316 9.90 -6.36 -26.08
N VAL A 317 8.77 -7.07 -26.00
CA VAL A 317 7.99 -7.43 -27.17
C VAL A 317 6.62 -6.84 -26.87
N ILE A 318 6.05 -6.12 -27.84
CA ILE A 318 4.74 -5.49 -27.64
C ILE A 318 3.65 -6.08 -28.51
N ASN A 319 2.55 -6.47 -27.89
CA ASN A 319 1.43 -7.03 -28.65
C ASN A 319 0.11 -6.44 -28.22
N ASP A 320 -0.72 -6.11 -29.19
CA ASP A 320 -2.01 -5.55 -28.89
C ASP A 320 -3.06 -6.66 -28.81
N ILE A 321 -4.12 -6.39 -28.07
CA ILE A 321 -5.21 -7.36 -27.92
C ILE A 321 -6.53 -6.61 -27.86
N SER A 322 -7.41 -6.89 -28.83
CA SER A 322 -8.70 -6.23 -28.86
C SER A 322 -9.81 -7.26 -28.75
N PHE A 323 -10.96 -6.81 -28.25
CA PHE A 323 -12.11 -7.68 -28.10
C PHE A 323 -13.34 -6.87 -27.71
N TRP A 324 -14.49 -7.55 -27.69
CA TRP A 324 -15.74 -6.91 -27.32
C TRP A 324 -16.15 -7.26 -25.88
N LEU A 325 -16.44 -6.23 -25.09
CA LEU A 325 -16.88 -6.45 -23.72
C LEU A 325 -18.25 -7.13 -23.71
N PRO A 326 -18.71 -8.01 -22.33
CA PRO A 326 -19.89 -8.70 -22.90
C PRO A 326 -21.09 -7.76 -22.98
N SER A 327 -22.19 -8.16 -22.76
CA SER A 327 -23.36 -7.28 -22.68
C SER A 327 -23.47 -6.68 -21.28
N GLU A 328 -23.00 -5.44 -21.14
CA GLU A 328 -23.04 -4.74 -19.84
C GLU A 328 -22.49 -5.58 -18.67
N ASN A 329 -21.43 -6.35 -18.92
CA ASN A 329 -20.83 -7.20 -17.87
C ASN A 329 -19.31 -7.33 -17.96
N TYR A 330 -18.59 -6.23 -17.36
CA TYR A 330 -17.13 -6.38 -17.47
C TYR A 330 -16.35 -5.32 -16.68
N ALA A 331 -15.25 -5.49 -16.21
CA ALA A 331 -14.47 -4.49 -15.49
C ALA A 331 -13.04 -4.52 -16.06
N GLU A 332 -12.38 -3.37 -16.05
CA GLU A 332 -11.02 -3.28 -16.57
C GLU A 332 -10.10 -4.16 -15.70
N ASN A 333 -9.96 -3.79 -14.43
CA ASN A 333 -9.11 -4.53 -13.50
C ASN A 333 -9.32 -6.06 -13.48
N ASP A 334 -10.24 -6.58 -14.19
CA ASP A 334 -10.57 -8.01 -14.35
C ASP A 334 -9.57 -8.64 -15.33
N PHE A 335 -9.64 -7.96 -16.58
CA PHE A 335 -8.78 -8.41 -17.65
C PHE A 335 -7.37 -8.37 -17.11
N TYR A 336 -7.13 -7.41 -16.22
CA TYR A 336 -5.82 -7.24 -15.62
C TYR A 336 -5.41 -8.47 -14.82
N ASP A 337 -6.39 -9.20 -14.30
CA ASP A 337 -6.09 -10.40 -13.52
C ASP A 337 -5.80 -11.58 -14.44
N LEU A 338 -6.53 -11.65 -15.55
CA LEU A 338 -6.29 -12.71 -16.52
C LEU A 338 -4.85 -12.52 -16.98
N VAL A 339 -4.45 -11.26 -17.14
CA VAL A 339 -3.10 -10.91 -17.57
C VAL A 339 -2.06 -11.35 -16.53
N ARG A 340 -2.31 -11.07 -15.25
CA ARG A 340 -1.38 -11.46 -14.20
C ARG A 340 -1.28 -12.97 -14.12
N THR A 341 -2.41 -13.63 -14.34
CA THR A 341 -2.45 -15.09 -14.30
C THR A 341 -1.67 -15.71 -15.45
N ILE A 342 -1.96 -15.26 -16.66
CA ILE A 342 -1.32 -15.81 -17.84
C ILE A 342 0.12 -15.32 -18.07
N GLY A 343 0.29 -14.01 -18.14
CA GLY A 343 1.61 -13.44 -18.38
C GLY A 343 2.46 -13.24 -17.13
N GLY A 344 1.84 -13.29 -15.96
CA GLY A 344 2.55 -13.13 -14.72
C GLY A 344 3.53 -11.98 -14.74
N ASP A 345 4.73 -12.21 -14.21
CA ASP A 345 5.75 -11.17 -14.14
C ASP A 345 6.55 -10.98 -15.42
N LEU A 346 5.96 -11.48 -16.52
CA LEU A 346 6.54 -11.35 -17.84
C LEU A 346 6.01 -10.02 -18.42
N VAL A 347 4.85 -9.59 -17.93
CA VAL A 347 4.25 -8.35 -18.39
C VAL A 347 4.80 -7.15 -17.62
N GLU A 348 5.28 -6.16 -18.37
CA GLU A 348 5.83 -4.97 -17.75
C GLU A 348 4.73 -3.94 -17.56
N LYS A 349 3.75 -3.94 -18.45
CA LYS A 349 2.67 -2.99 -18.35
C LYS A 349 1.58 -3.23 -19.37
N VAL A 350 0.38 -2.79 -19.02
CA VAL A 350 -0.78 -2.91 -19.89
C VAL A 350 -1.40 -1.54 -20.06
N ASP A 351 -1.70 -1.17 -21.30
CA ASP A 351 -2.31 0.12 -21.60
C ASP A 351 -3.56 0.03 -22.47
N LEU A 352 -4.66 0.62 -21.98
CA LEU A 352 -5.90 0.63 -22.73
C LEU A 352 -5.75 1.86 -23.62
N ILE A 353 -5.28 1.63 -24.83
CA ILE A 353 -5.03 2.69 -25.78
C ILE A 353 -6.25 3.12 -26.59
N ASP A 354 -7.35 2.39 -26.46
CA ASP A 354 -8.53 2.76 -27.23
C ASP A 354 -9.79 2.00 -26.81
N LYS A 355 -10.94 2.66 -26.94
CA LYS A 355 -12.24 2.07 -26.59
C LYS A 355 -13.38 2.97 -27.10
N PHE A 356 -14.43 2.01 -27.67
CA PHE A 356 -15.55 2.56 -28.45
C PHE A 356 -16.75 1.62 -28.47
N VAL A 357 -17.92 2.17 -28.74
CA VAL A 357 -19.16 1.41 -28.78
C VAL A 357 -19.60 1.19 -30.22
N HIS A 358 -20.06 -0.02 -30.55
CA HIS A 358 -20.53 -0.24 -31.91
C HIS A 358 -22.00 0.14 -31.88
N PRO A 359 -22.43 0.95 -32.85
CA PRO A 359 -23.82 1.42 -32.96
C PRO A 359 -24.86 0.33 -33.05
N LYS A 360 -24.73 -0.53 -34.06
CA LYS A 360 -25.66 -1.62 -34.26
C LYS A 360 -25.79 -2.47 -32.98
N THR A 361 -24.73 -3.22 -32.68
CA THR A 361 -24.72 -4.11 -31.52
C THR A 361 -24.86 -3.49 -30.15
N HIS A 362 -24.21 -2.38 -29.91
CA HIS A 362 -24.27 -1.63 -28.65
C HIS A 362 -23.16 -2.13 -27.69
N LYS A 363 -22.22 -2.63 -27.68
CA LYS A 363 -21.14 -3.63 -27.57
C LYS A 363 -19.76 -3.00 -27.78
N THR A 364 -19.12 -2.72 -26.54
CA THR A 364 -17.97 -1.83 -26.44
C THR A 364 -16.71 -2.62 -26.76
N SER A 365 -15.84 -2.00 -27.52
CA SER A 365 -14.59 -2.61 -27.91
C SER A 365 -13.40 -2.04 -27.14
N HIS A 366 -12.54 -2.92 -26.63
CA HIS A 366 -11.34 -2.52 -25.90
C HIS A 366 -10.07 -2.99 -26.60
N CYS A 367 -9.07 -2.13 -26.69
CA CYS A 367 -7.82 -2.54 -27.31
C CYS A 367 -6.71 -2.20 -26.33
N TYR A 368 -6.02 -3.24 -25.87
CA TYR A 368 -4.94 -3.10 -24.92
C TYR A 368 -3.58 -3.39 -25.54
N ARG A 369 -2.62 -2.51 -25.28
CA ARG A 369 -1.26 -2.72 -25.76
C ARG A 369 -0.47 -3.27 -24.58
N ILE A 370 -0.04 -4.52 -24.71
CA ILE A 370 0.71 -5.16 -23.63
C ILE A 370 2.20 -5.21 -23.93
N THR A 371 3.00 -4.68 -23.01
CA THR A 371 4.45 -4.70 -23.18
C THR A 371 4.99 -5.89 -22.39
N TYR A 372 5.58 -6.82 -23.12
CA TYR A 372 6.15 -8.01 -22.52
C TYR A 372 7.64 -7.76 -22.32
N ARG A 373 8.11 -7.86 -21.09
CA ARG A 373 9.52 -7.66 -20.82
C ARG A 373 9.99 -8.47 -19.62
N HIS A 374 11.08 -9.20 -19.80
CA HIS A 374 11.59 -10.01 -18.71
C HIS A 374 12.63 -9.19 -17.96
N MET A 375 12.60 -9.29 -16.63
CA MET A 375 13.53 -8.55 -15.77
C MET A 375 14.88 -9.25 -15.70
N GLU A 376 14.89 -10.52 -16.06
CA GLU A 376 16.10 -11.32 -15.97
C GLU A 376 16.73 -11.73 -17.31
N ARG A 377 15.94 -11.68 -18.37
CA ARG A 377 16.43 -12.09 -19.68
C ARG A 377 15.67 -11.50 -20.88
N THR A 378 16.18 -11.81 -22.05
CA THR A 378 15.61 -11.39 -23.30
C THR A 378 14.50 -12.37 -23.67
N LEU A 379 13.28 -11.89 -23.81
CA LEU A 379 12.21 -12.79 -24.21
C LEU A 379 12.32 -12.97 -25.73
N SER A 380 12.03 -14.18 -26.22
CA SER A 380 12.06 -14.41 -27.67
C SER A 380 10.65 -14.14 -28.16
N GLN A 381 10.52 -13.79 -29.43
CA GLN A 381 9.22 -13.53 -30.03
C GLN A 381 8.32 -14.74 -29.85
N ARG A 382 8.93 -15.91 -30.00
CA ARG A 382 8.25 -17.20 -29.93
C ARG A 382 7.48 -17.42 -28.63
N GLU A 383 8.18 -17.38 -27.51
CA GLU A 383 7.52 -17.62 -26.23
C GLU A 383 6.43 -16.58 -25.97
N VAL A 384 6.69 -15.32 -26.31
CA VAL A 384 5.70 -14.26 -26.13
C VAL A 384 4.44 -14.55 -26.94
N ARG A 385 4.61 -15.03 -28.16
CA ARG A 385 3.47 -15.36 -29.01
C ARG A 385 2.59 -16.38 -28.29
N HIS A 386 3.24 -17.34 -27.63
CA HIS A 386 2.52 -18.38 -26.91
C HIS A 386 1.79 -17.83 -25.72
N ILE A 387 2.44 -16.96 -24.97
CA ILE A 387 1.80 -16.35 -23.82
C ILE A 387 0.68 -15.43 -24.28
N HIS A 388 0.95 -14.68 -25.35
CA HIS A 388 -0.04 -13.75 -25.86
C HIS A 388 -1.25 -14.47 -26.45
N GLN A 389 -1.03 -15.61 -27.10
CA GLN A 389 -2.16 -16.35 -27.66
C GLN A 389 -3.00 -17.00 -26.57
N ALA A 390 -2.36 -17.43 -25.49
CA ALA A 390 -3.08 -18.05 -24.37
C ALA A 390 -3.93 -16.99 -23.69
N LEU A 391 -3.42 -15.77 -23.64
CA LEU A 391 -4.15 -14.66 -23.05
C LEU A 391 -5.35 -14.39 -23.95
N GLN A 392 -5.12 -14.48 -25.25
CA GLN A 392 -6.20 -14.25 -26.21
C GLN A 392 -7.36 -15.22 -26.05
N GLU A 393 -7.06 -16.51 -26.01
CA GLU A 393 -8.10 -17.51 -25.86
C GLU A 393 -8.78 -17.40 -24.51
N ALA A 394 -7.97 -17.18 -23.47
CA ALA A 394 -8.49 -17.04 -22.10
C ALA A 394 -9.50 -15.89 -22.01
N ALA A 395 -9.19 -14.78 -22.64
CA ALA A 395 -10.07 -13.63 -22.62
C ALA A 395 -11.43 -14.03 -23.16
N VAL A 396 -11.43 -14.54 -24.39
CA VAL A 396 -12.65 -14.98 -25.05
C VAL A 396 -13.48 -15.94 -24.23
N GLN A 397 -12.55 -16.66 -22.59
CA GLN A 397 -13.58 -17.70 -22.56
C GLN A 397 -14.57 -17.50 -21.42
N LEU A 398 -12.62 -16.00 -20.46
CA LEU A 398 -13.22 -16.09 -19.13
C LEU A 398 -13.83 -14.83 -18.54
N LEU A 399 -13.61 -13.86 -20.02
CA LEU A 399 -14.16 -12.51 -19.97
C LEU A 399 -15.26 -12.23 -20.99
N GLY A 400 -16.02 -13.27 -21.31
CA GLY A 400 -17.11 -13.12 -22.26
C GLY A 400 -16.85 -12.09 -23.34
N VAL A 401 -15.58 -11.90 -23.68
CA VAL A 401 -15.21 -10.93 -24.72
C VAL A 401 -15.10 -11.63 -26.08
N GLU A 402 -15.46 -10.90 -27.15
CA GLU A 402 -15.44 -11.42 -28.52
C GLU A 402 -14.12 -11.16 -29.24
N GLY A 403 -13.61 -12.19 -29.90
CA GLY A 403 -12.34 -12.10 -30.61
C GLY A 403 -12.23 -11.06 -31.72
N ARG A 404 -12.15 -9.79 -31.34
CA ARG A 404 -12.04 -8.71 -32.33
C ARG A 404 -10.59 -8.64 -32.86
N PHE A 405 -9.62 -8.74 -31.94
CA PHE A 405 -8.18 -8.69 -32.25
C PHE A 405 -7.76 -7.49 -33.08
#